data_5F1P
#
_entry.id   5F1P
#
_cell.length_a   77.368
_cell.length_b   77.953
_cell.length_c   81.575
_cell.angle_alpha   90.00
_cell.angle_beta   105.47
_cell.angle_gamma   90.00
#
_symmetry.space_group_name_H-M   'C 1 2 1'
#
loop_
_entity.id
_entity.type
_entity.pdbx_description
1 polymer PtmO8
2 water water
#
_entity_poly.entity_id   1
_entity_poly.type   'polypeptide(L)'
_entity_poly.pdbx_seq_one_letter_code
;SNAVGRLEGKIAIVTGAASGIGAVTAERLAAEGARVALADLDAVGVQTLAEKIRGADGTHAIGIEVDLADPASVRA
(MSE)VAAAVEEFGGLDILHNNAAATALASSLDVPVADADPEVWDRT(MSE)RVNLSGA(MSE)VATQAALPHLIARGGG
CVINTSSAAGLSGDLSHPAYAASKAALISLTRSVATQAGRSGVRCNAIAPGLIITRPEREAAYRV(MSE)LPHHLTTRLG
RPEDVASAVVFLASDEASFITGQTLVVDGGLLAHQPYYADRRAET
;
_entity_poly.pdbx_strand_id   A,B
#
# COMPACT_ATOMS: atom_id res chain seq x y z
N VAL A 4 -18.55 -8.88 -5.62
CA VAL A 4 -18.62 -8.15 -4.36
C VAL A 4 -17.34 -8.38 -3.58
N GLY A 5 -16.84 -9.60 -3.63
CA GLY A 5 -15.56 -9.91 -3.04
C GLY A 5 -14.45 -9.23 -3.82
N ARG A 6 -13.44 -8.73 -3.13
CA ARG A 6 -12.37 -8.05 -3.84
C ARG A 6 -11.36 -9.04 -4.45
N LEU A 7 -11.50 -10.32 -4.10
CA LEU A 7 -10.62 -11.36 -4.66
C LEU A 7 -11.39 -12.50 -5.33
N GLU A 8 -12.60 -12.16 -5.81
CA GLU A 8 -13.52 -13.13 -6.41
C GLU A 8 -12.87 -13.96 -7.53
N GLY A 9 -13.00 -15.28 -7.45
CA GLY A 9 -12.42 -16.17 -8.44
C GLY A 9 -10.91 -16.43 -8.31
N LYS A 10 -10.27 -15.85 -7.29
CA LYS A 10 -8.82 -16.05 -7.13
C LYS A 10 -8.51 -17.30 -6.31
N ILE A 11 -7.38 -17.93 -6.60
CA ILE A 11 -6.86 -19.06 -5.84
C ILE A 11 -5.58 -18.66 -5.10
N ALA A 12 -5.56 -18.88 -3.79
CA ALA A 12 -4.45 -18.41 -3.01
C ALA A 12 -3.88 -19.49 -2.08
N ILE A 13 -2.56 -19.47 -1.90
CA ILE A 13 -1.91 -20.26 -0.84
C ILE A 13 -1.48 -19.33 0.29
N VAL A 14 -1.70 -19.76 1.55
CA VAL A 14 -1.24 -18.99 2.69
C VAL A 14 -0.49 -19.93 3.61
N THR A 15 0.82 -19.69 3.79
CA THR A 15 1.59 -20.51 4.71
C THR A 15 1.56 -19.89 6.11
N GLY A 16 2.01 -20.63 7.12
CA GLY A 16 1.86 -20.20 8.50
C GLY A 16 0.41 -19.88 8.86
N ALA A 17 -0.53 -20.60 8.26
CA ALA A 17 -1.94 -20.26 8.35
C ALA A 17 -2.67 -20.81 9.58
N ALA A 18 -1.98 -21.53 10.47
CA ALA A 18 -2.71 -22.16 11.58
C ALA A 18 -3.07 -21.15 12.66
N SER A 19 -2.27 -20.11 12.80
CA SER A 19 -2.55 -19.12 13.83
C SER A 19 -2.19 -17.71 13.41
N GLY A 20 -2.44 -16.78 14.32
CA GLY A 20 -2.10 -15.37 14.17
C GLY A 20 -2.41 -14.73 12.83
N ILE A 21 -1.43 -14.01 12.32
CA ILE A 21 -1.56 -13.28 11.06
C ILE A 21 -1.99 -14.18 9.90
N GLY A 22 -1.38 -15.36 9.82
CA GLY A 22 -1.69 -16.30 8.75
C GLY A 22 -3.15 -16.69 8.78
N ALA A 23 -3.65 -17.03 9.96
CA ALA A 23 -5.02 -17.51 10.15
C ALA A 23 -6.06 -16.42 9.82
N VAL A 24 -5.81 -15.23 10.34
CA VAL A 24 -6.66 -14.09 10.08
C VAL A 24 -6.62 -13.72 8.58
N THR A 25 -5.44 -13.82 7.96
CA THR A 25 -5.35 -13.51 6.55
C THR A 25 -6.11 -14.55 5.73
N ALA A 26 -5.88 -15.82 6.07
CA ALA A 26 -6.53 -16.92 5.37
C ALA A 26 -8.05 -16.78 5.40
N GLU A 27 -8.61 -16.40 6.56
CA GLU A 27 -10.07 -16.16 6.64
C GLU A 27 -10.47 -14.93 5.86
N ARG A 28 -9.63 -13.91 5.89
CA ARG A 28 -9.97 -12.70 5.14
C ARG A 28 -9.98 -12.93 3.61
N LEU A 29 -9.02 -13.67 3.08
CA LEU A 29 -8.97 -13.89 1.63
C LEU A 29 -10.22 -14.66 1.18
N ALA A 30 -10.63 -15.63 1.99
CA ALA A 30 -11.80 -16.45 1.68
C ALA A 30 -13.07 -15.60 1.78
N ALA A 31 -13.13 -14.72 2.77
CA ALA A 31 -14.29 -13.82 2.86
C ALA A 31 -14.33 -12.83 1.68
N GLU A 32 -13.18 -12.59 1.04
CA GLU A 32 -13.14 -11.77 -0.17
C GLU A 32 -13.37 -12.57 -1.46
N GLY A 33 -13.71 -13.85 -1.31
CA GLY A 33 -14.06 -14.70 -2.44
C GLY A 33 -12.93 -15.56 -3.00
N ALA A 34 -11.78 -15.57 -2.34
CA ALA A 34 -10.68 -16.44 -2.79
C ALA A 34 -10.90 -17.88 -2.33
N ARG A 35 -10.51 -18.85 -3.17
CA ARG A 35 -10.33 -20.22 -2.74
C ARG A 35 -8.94 -20.30 -2.09
N VAL A 36 -8.83 -20.93 -0.94
CA VAL A 36 -7.62 -20.82 -0.14
C VAL A 36 -7.09 -22.16 0.32
N ALA A 37 -5.82 -22.42 0.01
CA ALA A 37 -5.12 -23.53 0.61
C ALA A 37 -4.33 -23.00 1.79
N LEU A 38 -4.72 -23.42 2.99
CA LEU A 38 -4.05 -23.08 4.22
C LEU A 38 -2.96 -24.12 4.53
N ALA A 39 -1.75 -23.66 4.80
CA ALA A 39 -0.60 -24.55 4.97
C ALA A 39 0.17 -24.20 6.22
N ASP A 40 0.56 -25.22 6.99
CA ASP A 40 1.23 -24.98 8.25
C ASP A 40 1.80 -26.27 8.81
N LEU A 41 2.78 -26.13 9.70
CA LEU A 41 3.36 -27.28 10.37
C LEU A 41 2.26 -28.04 11.12
N ASP A 42 1.42 -27.28 11.80
CA ASP A 42 0.34 -27.83 12.61
C ASP A 42 -0.82 -28.31 11.72
N ALA A 43 -0.79 -29.61 11.39
CA ALA A 43 -1.78 -30.20 10.50
C ALA A 43 -3.20 -30.01 11.01
N VAL A 44 -3.42 -30.36 12.28
CA VAL A 44 -4.73 -30.28 12.89
C VAL A 44 -5.26 -28.85 12.96
N GLY A 45 -4.39 -27.89 13.27
CA GLY A 45 -4.83 -26.52 13.42
C GLY A 45 -5.27 -25.93 12.08
N VAL A 46 -4.74 -26.48 11.01
CA VAL A 46 -5.00 -25.92 9.72
C VAL A 46 -6.22 -26.62 9.07
N GLN A 47 -6.45 -27.88 9.44
CA GLN A 47 -7.65 -28.63 9.01
C GLN A 47 -8.90 -28.06 9.65
N THR A 48 -8.79 -27.80 10.94
CA THR A 48 -9.87 -27.18 11.70
C THR A 48 -10.22 -25.80 11.14
N LEU A 49 -9.23 -24.95 10.89
CA LEU A 49 -9.56 -23.63 10.36
C LEU A 49 -10.19 -23.76 8.95
N ALA A 50 -9.60 -24.62 8.11
CA ALA A 50 -10.15 -24.92 6.79
C ALA A 50 -11.62 -25.33 6.88
N GLU A 51 -11.92 -26.20 7.85
CA GLU A 51 -13.27 -26.69 8.07
C GLU A 51 -14.24 -25.58 8.51
N LYS A 52 -13.75 -24.67 9.36
CA LYS A 52 -14.57 -23.55 9.81
C LYS A 52 -14.84 -22.58 8.66
N ILE A 53 -13.84 -22.35 7.81
CA ILE A 53 -14.04 -21.49 6.64
C ILE A 53 -15.03 -22.11 5.63
N ARG A 54 -14.93 -23.42 5.42
CA ARG A 54 -15.84 -24.10 4.51
C ARG A 54 -17.29 -24.02 4.97
N GLY A 55 -17.50 -24.11 6.27
CA GLY A 55 -18.84 -24.26 6.80
C GLY A 55 -19.31 -25.65 6.42
N ALA A 56 -20.62 -25.84 6.35
CA ALA A 56 -21.18 -27.15 6.03
C ALA A 56 -21.46 -27.29 4.55
N ASP A 57 -21.41 -26.17 3.83
CA ASP A 57 -21.76 -26.13 2.42
C ASP A 57 -20.56 -25.92 1.52
N GLY A 58 -19.51 -25.32 2.06
CA GLY A 58 -18.41 -24.84 1.25
C GLY A 58 -17.36 -25.84 0.85
N THR A 59 -16.63 -25.49 -0.19
CA THR A 59 -15.51 -26.28 -0.65
C THR A 59 -14.29 -25.41 -0.91
N HIS A 60 -14.33 -24.16 -0.45
CA HIS A 60 -13.36 -23.19 -0.92
C HIS A 60 -12.13 -23.02 -0.02
N ALA A 61 -11.88 -23.99 0.85
CA ALA A 61 -10.66 -23.95 1.65
C ALA A 61 -10.19 -25.35 1.94
N ILE A 62 -8.88 -25.53 2.03
CA ILE A 62 -8.30 -26.81 2.43
C ILE A 62 -7.09 -26.62 3.30
N GLY A 63 -6.87 -27.58 4.19
CA GLY A 63 -5.73 -27.53 5.06
C GLY A 63 -4.67 -28.48 4.59
N ILE A 64 -3.45 -27.99 4.48
CA ILE A 64 -2.35 -28.83 4.05
C ILE A 64 -1.20 -28.78 5.05
N GLU A 65 -0.63 -29.94 5.35
CA GLU A 65 0.51 -30.00 6.26
C GLU A 65 1.79 -29.68 5.48
N VAL A 66 2.61 -28.78 6.03
CA VAL A 66 3.89 -28.46 5.38
C VAL A 66 4.97 -28.16 6.40
N ASP A 67 6.21 -28.54 6.06
CA ASP A 67 7.40 -28.13 6.79
C ASP A 67 8.24 -27.18 5.93
N LEU A 68 8.19 -25.90 6.26
CA LEU A 68 8.84 -24.86 5.45
C LEU A 68 10.34 -25.03 5.33
N ALA A 69 10.96 -25.76 6.27
CA ALA A 69 12.38 -26.06 6.21
C ALA A 69 12.71 -27.25 5.29
N ASP A 70 11.68 -27.95 4.81
CA ASP A 70 11.89 -29.13 3.98
C ASP A 70 11.42 -28.84 2.56
N PRO A 71 12.38 -28.62 1.64
CA PRO A 71 12.05 -28.25 0.25
C PRO A 71 11.05 -29.21 -0.40
N ALA A 72 11.20 -30.51 -0.15
CA ALA A 72 10.28 -31.49 -0.77
C ALA A 72 8.86 -31.36 -0.22
N SER A 73 8.76 -31.10 1.08
CA SER A 73 7.48 -30.83 1.71
C SER A 73 6.86 -29.55 1.16
N VAL A 74 7.69 -28.53 0.94
CA VAL A 74 7.19 -27.27 0.39
C VAL A 74 6.69 -27.51 -1.04
N ARG A 75 7.45 -28.22 -1.85
CA ARG A 75 6.99 -28.54 -3.20
C ARG A 75 5.71 -29.38 -3.21
N ALA A 76 5.62 -30.40 -2.36
CA ALA A 76 4.39 -31.20 -2.28
C ALA A 76 3.17 -30.35 -1.92
N VAL A 78 2.56 -27.11 -2.59
CA VAL A 78 2.12 -26.28 -3.71
C VAL A 78 1.40 -27.14 -4.76
N ALA A 79 1.84 -28.38 -4.94
CA ALA A 79 1.20 -29.28 -5.89
C ALA A 79 -0.19 -29.71 -5.43
N ALA A 80 -0.32 -30.01 -4.15
CA ALA A 80 -1.63 -30.41 -3.61
C ALA A 80 -2.66 -29.27 -3.71
N ALA A 81 -2.20 -28.03 -3.55
CA ALA A 81 -3.11 -26.90 -3.64
C ALA A 81 -3.54 -26.69 -5.09
N VAL A 82 -2.60 -26.76 -6.01
CA VAL A 82 -2.92 -26.63 -7.43
C VAL A 82 -3.84 -27.77 -7.87
N GLU A 83 -3.56 -28.96 -7.35
CA GLU A 83 -4.39 -30.12 -7.65
C GLU A 83 -5.83 -29.91 -7.22
N GLU A 84 -6.01 -29.40 -6.00
CA GLU A 84 -7.33 -29.17 -5.44
C GLU A 84 -8.14 -28.15 -6.24
N PHE A 85 -7.55 -26.98 -6.47
CA PHE A 85 -8.31 -25.87 -7.03
C PHE A 85 -8.07 -25.64 -8.52
N GLY A 86 -7.13 -26.38 -9.12
CA GLY A 86 -6.91 -26.33 -10.56
C GLY A 86 -6.08 -25.17 -11.07
N GLY A 87 -5.40 -24.47 -10.18
CA GLY A 87 -4.60 -23.32 -10.58
C GLY A 87 -4.10 -22.54 -9.37
N LEU A 88 -3.55 -21.35 -9.61
CA LEU A 88 -2.99 -20.52 -8.53
C LEU A 88 -2.89 -19.04 -8.94
N ASP A 89 -3.33 -18.12 -8.09
CA ASP A 89 -3.21 -16.68 -8.38
C ASP A 89 -2.34 -15.94 -7.37
N ILE A 90 -2.37 -16.41 -6.13
CA ILE A 90 -1.71 -15.74 -5.03
C ILE A 90 -0.90 -16.72 -4.21
N LEU A 91 0.36 -16.39 -3.95
CA LEU A 91 1.13 -17.06 -2.92
C LEU A 91 1.45 -16.07 -1.80
N HIS A 92 0.99 -16.35 -0.58
CA HIS A 92 1.30 -15.53 0.59
C HIS A 92 2.24 -16.33 1.51
N ASN A 93 3.53 -16.00 1.44
CA ASN A 93 4.53 -16.59 2.32
C ASN A 93 4.56 -15.88 3.67
N ASN A 94 4.22 -16.62 4.72
CA ASN A 94 4.25 -16.13 6.11
C ASN A 94 5.34 -16.72 6.97
N ALA A 95 6.10 -15.84 7.63
CA ALA A 95 7.21 -16.23 8.50
C ALA A 95 6.81 -17.30 9.51
N THR A 98 5.80 -19.51 18.46
CA THR A 98 7.05 -18.89 18.04
C THR A 98 7.57 -17.93 19.12
N ALA A 99 6.99 -18.02 20.31
CA ALA A 99 7.46 -17.25 21.45
C ALA A 99 8.86 -17.68 21.88
N LEU A 100 9.06 -18.99 22.03
CA LEU A 100 10.36 -19.54 22.39
C LEU A 100 11.34 -19.36 21.25
N ALA A 101 10.84 -19.48 20.03
CA ALA A 101 11.64 -19.24 18.84
C ALA A 101 12.32 -17.87 18.94
N SER A 102 11.54 -16.84 19.28
CA SER A 102 12.10 -15.50 19.40
C SER A 102 12.91 -15.36 20.68
N SER A 103 12.55 -16.13 21.71
CA SER A 103 13.32 -16.14 22.94
C SER A 103 14.75 -16.64 22.72
N LEU A 104 14.97 -17.43 21.67
CA LEU A 104 16.28 -17.99 21.35
C LEU A 104 17.14 -17.05 20.51
N ASP A 105 16.50 -16.04 19.95
CA ASP A 105 17.14 -15.06 19.08
C ASP A 105 17.64 -13.89 19.92
N VAL A 106 18.72 -14.13 20.64
CA VAL A 106 19.31 -13.16 21.56
C VAL A 106 20.27 -12.21 20.82
N PRO A 107 20.70 -11.10 21.49
CA PRO A 107 21.67 -10.20 20.87
C PRO A 107 22.95 -10.91 20.40
N VAL A 108 23.65 -10.26 19.48
CA VAL A 108 24.82 -10.81 18.80
C VAL A 108 25.86 -11.37 19.77
N ALA A 109 26.07 -10.67 20.89
CA ALA A 109 27.05 -11.07 21.88
C ALA A 109 26.83 -12.50 22.40
N ASP A 110 25.58 -12.94 22.46
CA ASP A 110 25.28 -14.28 22.93
C ASP A 110 24.62 -15.16 21.86
N ALA A 111 24.50 -14.63 20.65
CA ALA A 111 23.81 -15.33 19.57
C ALA A 111 24.36 -16.75 19.32
N ASP A 112 23.46 -17.66 19.00
CA ASP A 112 23.78 -19.05 18.63
C ASP A 112 23.76 -19.19 17.11
N PRO A 113 24.90 -19.56 16.50
CA PRO A 113 24.93 -19.66 15.03
C PRO A 113 23.92 -20.67 14.48
N GLU A 114 23.56 -21.66 15.28
CA GLU A 114 22.58 -22.65 14.84
C GLU A 114 21.20 -22.06 14.70
N VAL A 115 20.89 -21.10 15.55
CA VAL A 115 19.58 -20.48 15.50
C VAL A 115 19.51 -19.57 14.27
N TRP A 116 20.63 -18.96 13.92
CA TRP A 116 20.69 -18.17 12.71
C TRP A 116 20.47 -19.06 11.49
N ASP A 117 21.23 -20.15 11.41
CA ASP A 117 21.12 -21.10 10.31
C ASP A 117 19.66 -21.58 10.18
N ARG A 118 19.07 -21.97 11.30
CA ARG A 118 17.70 -22.47 11.28
C ARG A 118 16.72 -21.39 10.86
N THR A 119 16.91 -20.18 11.37
CA THR A 119 16.06 -19.06 10.98
C THR A 119 16.10 -18.76 9.47
N ARG A 121 16.98 -20.87 7.06
CA ARG A 121 16.41 -22.05 6.41
C ARG A 121 14.89 -21.98 6.30
N VAL A 122 14.24 -21.64 7.40
CA VAL A 122 12.80 -21.60 7.44
C VAL A 122 12.20 -20.31 6.84
N ASN A 123 12.75 -19.16 7.18
CA ASN A 123 12.10 -17.90 6.80
C ASN A 123 12.48 -17.45 5.40
N LEU A 124 13.68 -17.80 4.97
CA LEU A 124 14.15 -17.33 3.68
C LEU A 124 14.12 -18.45 2.63
N SER A 125 14.75 -19.57 2.97
CA SER A 125 14.83 -20.73 2.06
C SER A 125 13.44 -21.32 1.82
N GLY A 126 12.60 -21.30 2.86
CA GLY A 126 11.22 -21.73 2.72
C GLY A 126 10.41 -20.87 1.74
N ALA A 127 10.48 -19.56 1.90
CA ALA A 127 9.75 -18.67 1.01
C ALA A 127 10.31 -18.77 -0.44
N VAL A 129 11.70 -21.42 -1.91
CA VAL A 129 11.29 -22.69 -2.52
C VAL A 129 9.81 -22.68 -2.90
N ALA A 130 8.98 -22.16 -1.99
CA ALA A 130 7.56 -21.99 -2.24
C ALA A 130 7.34 -21.12 -3.46
N THR A 131 8.10 -20.03 -3.53
CA THR A 131 7.97 -19.13 -4.66
C THR A 131 8.38 -19.85 -5.95
N GLN A 132 9.50 -20.54 -5.89
CA GLN A 132 9.98 -21.24 -7.06
C GLN A 132 8.97 -22.31 -7.53
N ALA A 133 8.34 -22.99 -6.60
CA ALA A 133 7.35 -24.02 -6.91
C ALA A 133 6.11 -23.39 -7.53
N ALA A 134 5.72 -22.22 -7.03
CA ALA A 134 4.51 -21.55 -7.46
C ALA A 134 4.64 -20.80 -8.80
N LEU A 135 5.83 -20.29 -9.10
CA LEU A 135 6.02 -19.44 -10.29
C LEU A 135 5.43 -19.99 -11.62
N PRO A 136 5.71 -21.25 -12.00
CA PRO A 136 5.13 -21.67 -13.28
C PRO A 136 3.60 -21.71 -13.30
N HIS A 137 2.99 -21.96 -12.16
CA HIS A 137 1.54 -21.96 -12.04
C HIS A 137 0.96 -20.53 -12.11
N LEU A 138 1.63 -19.57 -11.48
CA LEU A 138 1.26 -18.17 -11.61
C LEU A 138 1.36 -17.70 -13.05
N ILE A 139 2.44 -18.09 -13.72
CA ILE A 139 2.69 -17.66 -15.09
C ILE A 139 1.65 -18.28 -16.05
N ALA A 140 1.35 -19.56 -15.89
CA ALA A 140 0.34 -20.21 -16.72
C ALA A 140 -1.06 -19.62 -16.53
N ARG A 141 -1.29 -19.02 -15.37
CA ARG A 141 -2.57 -18.40 -15.07
C ARG A 141 -2.73 -17.09 -15.85
N GLY A 142 -1.63 -16.62 -16.44
CA GLY A 142 -1.60 -15.33 -17.09
C GLY A 142 -1.02 -14.26 -16.17
N GLY A 143 -0.45 -14.69 -15.04
CA GLY A 143 0.13 -13.76 -14.09
C GLY A 143 -0.50 -13.98 -12.73
N GLY A 144 -0.05 -13.21 -11.74
CA GLY A 144 -0.53 -13.35 -10.37
C GLY A 144 0.43 -12.67 -9.43
N CYS A 145 0.43 -13.03 -8.15
CA CYS A 145 1.36 -12.36 -7.30
C CYS A 145 1.83 -13.20 -6.11
N VAL A 146 3.04 -12.87 -5.66
CA VAL A 146 3.61 -13.43 -4.45
C VAL A 146 3.71 -12.31 -3.41
N ILE A 147 3.25 -12.57 -2.19
CA ILE A 147 3.35 -11.58 -1.12
C ILE A 147 4.12 -12.17 0.06
N ASN A 148 5.27 -11.55 0.37
CA ASN A 148 6.14 -11.97 1.46
C ASN A 148 5.90 -11.14 2.72
N THR A 149 5.59 -11.81 3.82
CA THR A 149 5.37 -11.13 5.09
C THR A 149 6.39 -11.63 6.09
N SER A 150 7.26 -10.74 6.53
CA SER A 150 8.14 -11.04 7.65
C SER A 150 7.29 -11.15 8.92
N SER A 151 7.83 -11.74 9.97
CA SER A 151 7.08 -11.81 11.22
C SER A 151 7.05 -10.44 11.91
N ALA A 152 6.13 -10.28 12.85
CA ALA A 152 5.98 -9.01 13.58
C ALA A 152 7.23 -8.63 14.37
N ALA A 153 7.62 -7.36 14.30
CA ALA A 153 8.79 -6.86 15.03
C ALA A 153 8.74 -7.11 16.53
N SER A 156 13.07 -0.40 20.01
CA SER A 156 14.05 -1.31 20.59
C SER A 156 14.04 -2.66 19.90
N GLY A 157 13.85 -2.64 18.58
CA GLY A 157 13.85 -3.86 17.79
C GLY A 157 15.24 -4.23 17.30
N ASP A 158 16.09 -3.23 17.09
CA ASP A 158 17.47 -3.50 16.69
C ASP A 158 18.30 -3.93 17.90
N LEU A 159 17.77 -3.68 19.09
CA LEU A 159 18.43 -4.07 20.32
C LEU A 159 18.41 -5.58 20.56
N SER A 160 17.52 -6.29 19.87
CA SER A 160 17.45 -7.73 20.01
C SER A 160 16.88 -8.38 18.76
N HIS A 161 16.67 -9.69 18.83
CA HIS A 161 16.27 -10.51 17.68
C HIS A 161 17.02 -10.19 16.37
N PRO A 162 18.36 -10.21 16.39
CA PRO A 162 19.09 -9.85 15.15
C PRO A 162 18.92 -10.86 14.01
N ALA A 163 18.72 -12.14 14.32
CA ALA A 163 18.54 -13.13 13.25
C ALA A 163 17.21 -12.94 12.52
N TYR A 164 16.18 -12.61 13.27
CA TYR A 164 14.91 -12.24 12.66
C TYR A 164 15.08 -10.96 11.80
N ALA A 165 15.84 -9.98 12.30
CA ALA A 165 16.05 -8.76 11.52
C ALA A 165 16.77 -9.10 10.21
N ALA A 166 17.76 -9.97 10.30
CA ALA A 166 18.58 -10.30 9.14
C ALA A 166 17.77 -11.05 8.10
N SER A 167 16.93 -11.98 8.54
CA SER A 167 16.11 -12.74 7.61
C SER A 167 15.04 -11.88 6.99
N LYS A 168 14.52 -10.92 7.76
CA LYS A 168 13.55 -9.96 7.22
C LYS A 168 14.14 -9.14 6.07
N ALA A 169 15.36 -8.64 6.26
CA ALA A 169 16.05 -7.91 5.20
C ALA A 169 16.32 -8.82 3.98
N ALA A 170 16.74 -10.06 4.23
CA ALA A 170 16.96 -11.02 3.16
C ALA A 170 15.67 -11.29 2.37
N LEU A 171 14.56 -11.40 3.09
CA LEU A 171 13.25 -11.62 2.46
C LEU A 171 12.85 -10.46 1.54
N ILE A 172 13.22 -9.25 1.93
CA ILE A 172 12.96 -8.07 1.11
C ILE A 172 13.80 -8.18 -0.16
N SER A 173 15.04 -8.63 -0.03
CA SER A 173 15.88 -8.82 -1.21
C SER A 173 15.30 -9.92 -2.13
N LEU A 174 14.79 -11.01 -1.55
CA LEU A 174 14.14 -12.08 -2.33
C LEU A 174 12.96 -11.54 -3.13
N THR A 175 12.14 -10.76 -2.45
CA THR A 175 11.04 -10.03 -3.05
C THR A 175 11.44 -9.21 -4.27
N ARG A 176 12.52 -8.44 -4.17
CA ARG A 176 13.02 -7.66 -5.30
C ARG A 176 13.61 -8.55 -6.41
N SER A 177 14.31 -9.61 -6.03
CA SER A 177 14.83 -10.58 -7.00
C SER A 177 13.69 -11.18 -7.83
N VAL A 178 12.65 -11.66 -7.14
CA VAL A 178 11.52 -12.28 -7.82
C VAL A 178 10.74 -11.29 -8.70
N ALA A 179 10.49 -10.08 -8.18
CA ALA A 179 9.80 -9.07 -8.96
C ALA A 179 10.59 -8.78 -10.24
N THR A 180 11.91 -8.66 -10.12
CA THR A 180 12.75 -8.41 -11.28
C THR A 180 12.74 -9.59 -12.24
N GLN A 181 12.83 -10.80 -11.72
CA GLN A 181 13.01 -11.97 -12.59
C GLN A 181 11.68 -12.43 -13.20
N ALA A 182 10.58 -12.23 -12.48
CA ALA A 182 9.31 -12.78 -12.95
C ALA A 182 8.41 -11.72 -13.57
N GLY A 183 8.78 -10.45 -13.45
CA GLY A 183 7.97 -9.36 -13.97
C GLY A 183 7.57 -9.49 -15.43
N ARG A 184 8.51 -9.88 -16.29
CA ARG A 184 8.19 -10.00 -17.72
C ARG A 184 7.09 -11.05 -17.95
N SER A 185 6.98 -12.00 -17.03
CA SER A 185 6.00 -13.06 -17.19
C SER A 185 4.71 -12.73 -16.47
N GLY A 186 4.58 -11.51 -15.97
CA GLY A 186 3.32 -11.06 -15.42
C GLY A 186 3.12 -11.36 -13.94
N VAL A 187 4.19 -11.75 -13.26
CA VAL A 187 4.11 -11.98 -11.84
C VAL A 187 4.59 -10.75 -11.08
N ARG A 188 3.78 -10.31 -10.13
CA ARG A 188 4.19 -9.29 -9.15
C ARG A 188 4.69 -9.92 -7.85
N CYS A 189 5.64 -9.25 -7.21
CA CYS A 189 6.10 -9.72 -5.91
C CYS A 189 6.32 -8.53 -4.99
N ASN A 190 5.67 -8.57 -3.83
CA ASN A 190 5.77 -7.47 -2.88
C ASN A 190 5.92 -8.04 -1.48
N ALA A 191 6.47 -7.22 -0.58
CA ALA A 191 6.65 -7.60 0.81
C ALA A 191 5.80 -6.71 1.71
N ILE A 192 5.40 -7.26 2.86
CA ILE A 192 4.76 -6.51 3.95
C ILE A 192 5.64 -6.69 5.20
N ALA A 193 5.91 -5.60 5.88
CA ALA A 193 6.76 -5.63 7.05
C ALA A 193 5.97 -5.10 8.23
N PRO A 194 5.36 -6.01 9.02
CA PRO A 194 4.51 -5.62 10.14
C PRO A 194 5.33 -5.12 11.32
N GLY A 195 4.78 -4.17 12.06
CA GLY A 195 5.43 -3.73 13.27
C GLY A 195 4.95 -4.59 14.41
N LEU A 196 4.59 -3.95 15.50
CA LEU A 196 4.08 -4.63 16.68
C LEU A 196 2.63 -5.03 16.45
N ILE A 197 2.40 -6.29 16.14
CA ILE A 197 1.04 -6.80 15.95
C ILE A 197 0.58 -7.61 17.17
N ILE A 198 -0.48 -7.14 17.83
CA ILE A 198 -1.03 -7.84 18.98
C ILE A 198 -2.01 -8.92 18.55
N THR A 199 -1.67 -10.17 18.78
CA THR A 199 -2.54 -11.27 18.35
C THR A 199 -3.52 -11.68 19.46
N ARG A 203 -4.11 -9.60 23.66
CA ARG A 203 -4.47 -8.74 24.78
C ARG A 203 -3.78 -7.38 24.67
N GLU A 204 -4.48 -6.42 24.08
CA GLU A 204 -3.92 -5.11 23.75
C GLU A 204 -3.61 -4.24 24.97
N ALA A 205 -4.13 -4.61 26.14
CA ALA A 205 -3.99 -3.79 27.32
C ALA A 205 -2.64 -3.98 28.01
N ALA A 206 -2.04 -5.16 27.85
CA ALA A 206 -0.77 -5.47 28.50
C ALA A 206 0.42 -4.81 27.80
N TYR A 207 0.18 -4.27 26.61
CA TYR A 207 1.26 -3.70 25.80
C TYR A 207 1.22 -2.16 25.71
N ARG A 208 0.30 -1.52 26.40
CA ARG A 208 0.05 -0.09 26.19
C ARG A 208 1.24 0.82 26.57
N VAL A 209 2.26 0.25 27.21
CA VAL A 209 3.50 0.98 27.44
C VAL A 209 4.15 1.37 26.09
N LEU A 211 2.57 2.41 23.46
CA LEU A 211 1.77 3.44 22.78
C LEU A 211 2.52 4.75 22.43
N PRO A 212 3.28 5.33 23.39
CA PRO A 212 3.96 6.58 23.01
C PRO A 212 5.08 6.39 21.97
N HIS A 213 5.50 5.15 21.75
CA HIS A 213 6.54 4.86 20.77
C HIS A 213 5.94 4.63 19.37
N HIS A 214 4.62 4.55 19.30
CA HIS A 214 3.92 4.50 18.02
C HIS A 214 3.51 5.91 17.60
N LEU A 215 3.19 6.06 16.33
CA LEU A 215 2.62 7.31 15.86
C LEU A 215 1.10 7.21 15.85
N THR A 216 0.53 6.03 15.60
CA THR A 216 -0.92 5.87 15.70
C THR A 216 -1.40 5.94 17.15
N THR A 217 -2.72 5.92 17.35
CA THR A 217 -3.31 5.99 18.69
C THR A 217 -3.66 4.59 19.22
N ARG A 218 -3.36 3.57 18.43
CA ARG A 218 -3.61 2.18 18.83
C ARG A 218 -2.43 1.32 18.39
N LEU A 219 -2.39 0.08 18.89
CA LEU A 219 -1.38 -0.89 18.48
C LEU A 219 -1.90 -1.76 17.35
N GLY A 220 -1.02 -2.49 16.69
CA GLY A 220 -1.39 -3.26 15.52
C GLY A 220 -2.26 -4.46 15.78
N ARG A 221 -3.05 -4.82 14.78
CA ARG A 221 -3.91 -6.01 14.80
C ARG A 221 -3.60 -6.88 13.57
N PRO A 222 -3.85 -8.20 13.69
CA PRO A 222 -3.57 -9.07 12.53
C PRO A 222 -4.41 -8.65 11.32
N GLU A 223 -5.56 -8.03 11.57
CA GLU A 223 -6.42 -7.57 10.48
C GLU A 223 -5.77 -6.45 9.67
N ASP A 224 -4.85 -5.71 10.28
CA ASP A 224 -4.09 -4.70 9.56
C ASP A 224 -3.20 -5.33 8.51
N VAL A 225 -2.60 -6.48 8.86
CA VAL A 225 -1.76 -7.15 7.88
C VAL A 225 -2.63 -7.80 6.79
N ALA A 226 -3.69 -8.48 7.20
CA ALA A 226 -4.64 -9.06 6.27
C ALA A 226 -5.19 -8.07 5.24
N SER A 227 -5.56 -6.86 5.68
CA SER A 227 -6.10 -5.85 4.77
C SER A 227 -5.05 -5.43 3.74
N ALA A 228 -3.81 -5.33 4.19
CA ALA A 228 -2.71 -5.03 3.30
C ALA A 228 -2.52 -6.17 2.27
N VAL A 229 -2.64 -7.42 2.70
CA VAL A 229 -2.54 -8.57 1.81
C VAL A 229 -3.69 -8.57 0.77
N VAL A 230 -4.92 -8.29 1.20
CA VAL A 230 -6.04 -8.16 0.27
C VAL A 230 -5.75 -7.10 -0.80
N PHE A 231 -5.30 -5.93 -0.37
CA PHE A 231 -4.95 -4.85 -1.32
C PHE A 231 -3.87 -5.28 -2.31
N LEU A 232 -2.75 -5.78 -1.81
CA LEU A 232 -1.63 -6.11 -2.69
C LEU A 232 -1.97 -7.31 -3.60
N ALA A 233 -2.92 -8.16 -3.19
CA ALA A 233 -3.27 -9.31 -4.00
C ALA A 233 -4.30 -8.97 -5.06
N SER A 234 -5.00 -7.84 -4.89
CA SER A 234 -6.13 -7.54 -5.74
C SER A 234 -5.69 -6.99 -7.09
N ASP A 235 -6.58 -7.03 -8.07
CA ASP A 235 -6.25 -6.55 -9.39
C ASP A 235 -5.97 -5.05 -9.42
N GLU A 236 -6.56 -4.30 -8.49
CA GLU A 236 -6.40 -2.87 -8.55
C GLU A 236 -5.04 -2.45 -8.04
N ALA A 237 -4.25 -3.39 -7.51
CA ALA A 237 -2.83 -3.17 -7.19
C ALA A 237 -1.86 -3.79 -8.22
N SER A 238 -2.37 -4.14 -9.40
CA SER A 238 -1.55 -4.87 -10.36
C SER A 238 -0.38 -4.05 -10.91
N PHE A 239 -0.34 -2.74 -10.68
CA PHE A 239 0.83 -1.94 -11.12
C PHE A 239 1.85 -1.74 -9.98
N ILE A 240 1.74 -2.55 -8.93
CA ILE A 240 2.66 -2.43 -7.80
C ILE A 240 3.50 -3.69 -7.66
N THR A 241 4.81 -3.55 -7.72
CA THR A 241 5.67 -4.72 -7.61
C THR A 241 7.02 -4.30 -7.07
N GLY A 242 7.69 -5.23 -6.40
CA GLY A 242 9.00 -4.97 -5.87
C GLY A 242 8.97 -4.10 -4.62
N GLN A 243 7.78 -3.86 -4.04
CA GLN A 243 7.68 -2.88 -2.98
C GLN A 243 7.54 -3.53 -1.62
N THR A 244 7.96 -2.81 -0.59
CA THR A 244 7.78 -3.21 0.80
C THR A 244 6.82 -2.27 1.51
N LEU A 245 5.63 -2.77 1.82
CA LEU A 245 4.66 -2.00 2.58
C LEU A 245 4.87 -2.20 4.08
N VAL A 246 5.30 -1.15 4.77
CA VAL A 246 5.50 -1.17 6.22
C VAL A 246 4.20 -0.85 6.95
N VAL A 247 3.76 -1.78 7.78
CA VAL A 247 2.49 -1.69 8.50
C VAL A 247 2.80 -1.68 9.99
N ASP A 248 3.13 -0.51 10.52
CA ASP A 248 3.76 -0.44 11.84
C ASP A 248 3.31 0.73 12.69
N GLY A 249 2.26 1.42 12.27
CA GLY A 249 1.76 2.57 13.01
C GLY A 249 2.80 3.64 13.32
N GLY A 250 3.88 3.67 12.54
CA GLY A 250 4.91 4.67 12.70
C GLY A 250 6.06 4.29 13.63
N LEU A 251 6.05 3.06 14.14
CA LEU A 251 7.06 2.58 15.08
C LEU A 251 8.48 2.74 14.57
N LEU A 252 8.63 2.68 13.24
CA LEU A 252 9.92 2.83 12.54
C LEU A 252 10.87 1.68 12.88
N VAL B 4 -21.25 0.01 1.81
CA VAL B 4 -21.04 -0.66 0.53
C VAL B 4 -19.85 -0.03 -0.20
N GLY B 5 -19.81 1.30 -0.27
CA GLY B 5 -18.61 1.98 -0.71
C GLY B 5 -17.53 1.74 0.33
N ARG B 6 -16.27 1.81 -0.06
CA ARG B 6 -15.19 1.58 0.90
C ARG B 6 -14.85 2.85 1.67
N LEU B 7 -15.43 3.98 1.28
CA LEU B 7 -15.17 5.24 1.98
C LEU B 7 -16.47 5.92 2.42
N GLU B 8 -17.47 5.12 2.78
CA GLU B 8 -18.79 5.61 3.21
C GLU B 8 -18.72 6.67 4.29
N GLY B 9 -19.50 7.74 4.13
CA GLY B 9 -19.60 8.79 5.12
C GLY B 9 -18.37 9.67 5.28
N LYS B 10 -17.35 9.49 4.44
CA LYS B 10 -16.15 10.29 4.60
C LYS B 10 -16.17 11.56 3.73
N ILE B 11 -15.40 12.56 4.16
CA ILE B 11 -15.27 13.84 3.47
C ILE B 11 -13.82 14.05 3.05
N ALA B 12 -13.59 14.33 1.77
CA ALA B 12 -12.23 14.44 1.25
C ALA B 12 -12.02 15.71 0.45
N ILE B 13 -10.83 16.28 0.57
CA ILE B 13 -10.39 17.32 -0.34
C ILE B 13 -9.38 16.68 -1.29
N VAL B 14 -9.53 16.96 -2.59
CA VAL B 14 -8.55 16.55 -3.61
C VAL B 14 -8.11 17.79 -4.37
N THR B 15 -6.81 18.12 -4.30
CA THR B 15 -6.29 19.23 -5.05
C THR B 15 -5.76 18.71 -6.39
N GLY B 16 -5.47 19.61 -7.32
CA GLY B 16 -5.18 19.25 -8.69
C GLY B 16 -6.25 18.38 -9.33
N ALA B 17 -7.52 18.58 -8.94
CA ALA B 17 -8.58 17.67 -9.33
C ALA B 17 -9.26 17.95 -10.67
N ALA B 18 -8.77 18.91 -11.44
CA ALA B 18 -9.46 19.20 -12.69
C ALA B 18 -9.13 18.16 -13.76
N SER B 19 -7.91 17.66 -13.77
CA SER B 19 -7.54 16.70 -14.79
C SER B 19 -6.66 15.59 -14.26
N GLY B 20 -6.24 14.71 -15.17
CA GLY B 20 -5.32 13.65 -14.86
C GLY B 20 -5.69 12.83 -13.64
N ILE B 21 -4.67 12.56 -12.83
CA ILE B 21 -4.78 11.73 -11.66
C ILE B 21 -5.75 12.30 -10.63
N GLY B 22 -5.66 13.60 -10.36
CA GLY B 22 -6.56 14.25 -9.43
C GLY B 22 -8.02 14.04 -9.81
N ALA B 23 -8.32 14.18 -11.11
CA ALA B 23 -9.69 14.05 -11.61
C ALA B 23 -10.24 12.62 -11.44
N VAL B 24 -9.47 11.63 -11.88
CA VAL B 24 -9.83 10.22 -11.74
C VAL B 24 -9.97 9.80 -10.26
N THR B 25 -9.06 10.31 -9.44
CA THR B 25 -9.12 10.03 -8.02
C THR B 25 -10.39 10.63 -7.39
N ALA B 26 -10.71 11.87 -7.74
CA ALA B 26 -11.87 12.53 -7.17
C ALA B 26 -13.14 11.74 -7.51
N GLU B 27 -13.24 11.28 -8.76
CA GLU B 27 -14.37 10.47 -9.17
C GLU B 27 -14.38 9.14 -8.42
N ARG B 28 -13.21 8.60 -8.18
CA ARG B 28 -13.16 7.32 -7.49
C ARG B 28 -13.60 7.44 -6.01
N LEU B 29 -13.17 8.51 -5.33
CA LEU B 29 -13.53 8.67 -3.94
C LEU B 29 -15.05 8.84 -3.81
N ALA B 30 -15.64 9.59 -4.72
CA ALA B 30 -17.09 9.81 -4.66
C ALA B 30 -17.80 8.50 -4.95
N ALA B 31 -17.29 7.72 -5.89
CA ALA B 31 -17.85 6.40 -6.19
C ALA B 31 -17.69 5.43 -5.02
N GLU B 32 -16.74 5.70 -4.15
CA GLU B 32 -16.55 4.87 -2.95
C GLU B 32 -17.34 5.43 -1.78
N GLY B 33 -18.18 6.44 -2.08
CA GLY B 33 -19.12 6.98 -1.12
C GLY B 33 -18.66 8.21 -0.36
N ALA B 34 -17.51 8.78 -0.73
CA ALA B 34 -17.05 10.00 -0.07
C ALA B 34 -17.75 11.24 -0.63
N ARG B 35 -17.92 12.26 0.21
CA ARG B 35 -18.23 13.61 -0.23
C ARG B 35 -16.90 14.28 -0.57
N VAL B 36 -16.84 14.96 -1.71
CA VAL B 36 -15.56 15.43 -2.22
C VAL B 36 -15.54 16.90 -2.61
N ALA B 37 -14.56 17.62 -2.09
CA ALA B 37 -14.28 18.97 -2.55
C ALA B 37 -13.15 18.92 -3.56
N LEU B 38 -13.45 19.27 -4.80
CA LEU B 38 -12.45 19.27 -5.85
C LEU B 38 -11.82 20.65 -6.01
N ALA B 39 -10.49 20.71 -5.94
CA ALA B 39 -9.78 21.99 -6.01
C ALA B 39 -8.74 21.99 -7.10
N ASP B 40 -8.65 23.11 -7.82
CA ASP B 40 -7.65 23.26 -8.86
C ASP B 40 -7.59 24.72 -9.29
N LEU B 41 -6.57 25.03 -10.08
CA LEU B 41 -6.40 26.38 -10.58
C LEU B 41 -7.52 26.66 -11.56
N ASP B 42 -7.89 25.62 -12.31
CA ASP B 42 -8.84 25.73 -13.39
C ASP B 42 -10.25 25.66 -12.84
N ALA B 43 -10.85 26.84 -12.63
CA ALA B 43 -12.13 26.95 -11.95
C ALA B 43 -13.22 26.21 -12.70
N VAL B 44 -13.44 26.58 -13.96
CA VAL B 44 -14.50 25.98 -14.76
C VAL B 44 -14.34 24.46 -14.87
N GLY B 45 -13.11 24.01 -15.04
CA GLY B 45 -12.84 22.58 -15.22
C GLY B 45 -13.19 21.80 -13.97
N VAL B 46 -13.07 22.43 -12.82
CA VAL B 46 -13.32 21.74 -11.58
C VAL B 46 -14.82 21.73 -11.26
N GLN B 47 -15.56 22.78 -11.63
CA GLN B 47 -17.02 22.82 -11.41
C GLN B 47 -17.72 21.85 -12.35
N THR B 48 -17.26 21.82 -13.59
CA THR B 48 -17.76 20.89 -14.59
C THR B 48 -17.62 19.44 -14.12
N LEU B 49 -16.48 19.09 -13.56
CA LEU B 49 -16.28 17.74 -13.05
C LEU B 49 -17.09 17.50 -11.76
N ALA B 50 -17.11 18.50 -10.88
CA ALA B 50 -17.97 18.40 -9.69
C ALA B 50 -19.44 18.17 -10.11
N GLU B 51 -19.85 18.81 -11.20
CA GLU B 51 -21.22 18.72 -11.72
C GLU B 51 -21.50 17.34 -12.31
N LYS B 52 -20.53 16.78 -13.01
CA LYS B 52 -20.64 15.41 -13.52
C LYS B 52 -20.75 14.38 -12.38
N ILE B 53 -19.89 14.51 -11.37
CA ILE B 53 -19.93 13.60 -10.22
C ILE B 53 -21.26 13.71 -9.47
N ARG B 54 -21.67 14.95 -9.25
CA ARG B 54 -22.91 15.24 -8.55
C ARG B 54 -24.14 14.68 -9.25
N GLY B 55 -24.19 14.85 -10.57
CA GLY B 55 -25.42 14.59 -11.31
C GLY B 55 -26.32 15.79 -11.13
N ALA B 56 -27.42 15.82 -11.88
CA ALA B 56 -28.31 16.98 -11.87
C ALA B 56 -28.95 17.23 -10.50
N ASP B 57 -29.17 16.16 -9.73
CA ASP B 57 -29.84 16.31 -8.45
C ASP B 57 -28.97 15.96 -7.21
N GLY B 58 -27.69 15.69 -7.42
CA GLY B 58 -26.80 15.33 -6.32
C GLY B 58 -26.16 16.50 -5.57
N THR B 59 -25.56 16.22 -4.41
CA THR B 59 -24.90 17.26 -3.61
C THR B 59 -23.54 16.87 -3.05
N HIS B 60 -23.02 15.71 -3.43
CA HIS B 60 -21.88 15.17 -2.73
C HIS B 60 -20.51 15.56 -3.33
N ALA B 61 -20.48 16.59 -4.16
CA ALA B 61 -19.21 17.08 -4.70
C ALA B 61 -19.30 18.57 -4.95
N ILE B 62 -18.20 19.27 -4.73
CA ILE B 62 -18.17 20.70 -5.01
C ILE B 62 -16.83 21.02 -5.63
N GLY B 63 -16.80 22.01 -6.51
CA GLY B 63 -15.57 22.43 -7.13
C GLY B 63 -15.16 23.78 -6.59
N ILE B 64 -13.90 23.89 -6.17
CA ILE B 64 -13.41 25.14 -5.63
C ILE B 64 -12.16 25.59 -6.38
N GLU B 65 -12.07 26.90 -6.66
CA GLU B 65 -10.91 27.45 -7.33
C GLU B 65 -9.80 27.69 -6.30
N VAL B 66 -8.60 27.16 -6.55
CA VAL B 66 -7.46 27.41 -5.64
C VAL B 66 -6.15 27.65 -6.39
N ASP B 67 -5.33 28.56 -5.87
CA ASP B 67 -3.94 28.72 -6.30
C ASP B 67 -2.98 28.17 -5.25
N LEU B 68 -2.43 26.97 -5.50
CA LEU B 68 -1.58 26.31 -4.51
C LEU B 68 -0.32 27.11 -4.18
N ALA B 69 0.02 28.09 -5.02
CA ALA B 69 1.18 28.92 -4.76
C ALA B 69 0.90 29.99 -3.72
N ASP B 70 -0.37 30.35 -3.56
CA ASP B 70 -0.75 31.42 -2.62
C ASP B 70 -1.37 30.88 -1.34
N PRO B 71 -0.67 31.02 -0.21
CA PRO B 71 -1.13 30.47 1.07
C PRO B 71 -2.56 30.90 1.43
N ALA B 72 -2.90 32.15 1.14
CA ALA B 72 -4.22 32.65 1.46
C ALA B 72 -5.33 31.96 0.65
N SER B 73 -5.06 31.65 -0.61
CA SER B 73 -6.01 30.95 -1.46
C SER B 73 -6.19 29.50 -0.97
N VAL B 74 -5.10 28.89 -0.53
CA VAL B 74 -5.17 27.50 -0.07
C VAL B 74 -6.00 27.41 1.21
N ARG B 75 -5.80 28.37 2.11
CA ARG B 75 -6.56 28.39 3.35
C ARG B 75 -8.05 28.63 3.13
N ALA B 76 -8.39 29.51 2.19
CA ALA B 76 -9.81 29.74 1.84
C ALA B 76 -10.46 28.47 1.28
N VAL B 78 -9.65 25.27 1.96
CA VAL B 78 -9.92 24.29 3.00
C VAL B 78 -11.17 24.71 3.77
N ALA B 79 -11.29 25.99 4.09
CA ALA B 79 -12.43 26.48 4.87
C ALA B 79 -13.77 26.33 4.13
N ALA B 80 -13.77 26.53 2.81
CA ALA B 80 -15.01 26.40 2.07
C ALA B 80 -15.40 24.92 1.91
N ALA B 81 -14.40 24.04 1.90
CA ALA B 81 -14.68 22.61 1.84
C ALA B 81 -15.36 22.16 3.12
N VAL B 82 -14.76 22.50 4.27
CA VAL B 82 -15.34 22.18 5.57
C VAL B 82 -16.69 22.85 5.75
N GLU B 83 -16.81 24.10 5.32
CA GLU B 83 -18.09 24.80 5.42
C GLU B 83 -19.19 24.09 4.61
N GLU B 84 -18.83 23.52 3.47
CA GLU B 84 -19.83 22.83 2.65
C GLU B 84 -20.27 21.49 3.27
N PHE B 85 -19.33 20.69 3.74
CA PHE B 85 -19.66 19.33 4.14
C PHE B 85 -19.68 19.11 5.66
N GLY B 86 -19.23 20.11 6.43
CA GLY B 86 -19.34 20.08 7.88
C GLY B 86 -18.22 19.35 8.62
N GLY B 87 -17.17 18.99 7.91
CA GLY B 87 -16.05 18.28 8.52
C GLY B 87 -15.02 17.93 7.47
N LEU B 88 -14.05 17.09 7.85
CA LEU B 88 -12.97 16.66 6.96
C LEU B 88 -12.34 15.34 7.44
N ASP B 89 -12.19 14.36 6.55
CA ASP B 89 -11.61 13.06 6.89
C ASP B 89 -10.30 12.82 6.14
N ILE B 90 -10.23 13.34 4.91
CA ILE B 90 -9.15 13.01 4.00
C ILE B 90 -8.67 14.26 3.30
N LEU B 91 -7.37 14.52 3.31
CA LEU B 91 -6.83 15.52 2.40
C LEU B 91 -5.90 14.82 1.42
N HIS B 92 -6.18 14.93 0.13
CA HIS B 92 -5.30 14.37 -0.91
C HIS B 92 -4.61 15.51 -1.65
N ASN B 93 -3.34 15.76 -1.33
CA ASN B 93 -2.53 16.74 -2.01
C ASN B 93 -1.95 16.16 -3.30
N ASN B 94 -2.38 16.67 -4.44
CA ASN B 94 -1.86 16.21 -5.72
C ASN B 94 -1.06 17.31 -6.40
N ALA B 95 0.17 16.98 -6.79
CA ALA B 95 1.10 17.92 -7.39
C ALA B 95 0.54 18.56 -8.67
N THR B 98 0.93 20.92 -17.56
CA THR B 98 2.11 20.50 -16.82
C THR B 98 3.20 20.01 -17.76
N ALA B 99 2.81 19.67 -18.99
CA ALA B 99 3.78 19.27 -20.02
C ALA B 99 4.78 20.38 -20.30
N LEU B 100 4.27 21.60 -20.44
CA LEU B 100 5.09 22.80 -20.60
C LEU B 100 5.95 23.03 -19.37
N ALA B 101 5.31 22.99 -18.20
CA ALA B 101 6.00 23.16 -16.93
C ALA B 101 7.11 22.12 -16.81
N SER B 102 6.84 20.93 -17.32
CA SER B 102 7.79 19.84 -17.28
C SER B 102 8.91 20.08 -18.28
N SER B 103 8.56 20.60 -19.45
CA SER B 103 9.58 20.90 -20.45
C SER B 103 10.54 22.00 -19.95
N LEU B 104 10.11 22.78 -18.98
CA LEU B 104 10.94 23.84 -18.40
C LEU B 104 11.93 23.29 -17.36
N ASP B 105 11.67 22.06 -16.90
CA ASP B 105 12.51 21.41 -15.89
C ASP B 105 13.64 20.64 -16.57
N VAL B 106 14.64 21.37 -17.07
CA VAL B 106 15.74 20.78 -17.82
C VAL B 106 16.87 20.29 -16.91
N PRO B 107 17.80 19.48 -17.44
CA PRO B 107 18.91 19.04 -16.59
C PRO B 107 19.68 20.21 -15.97
N VAL B 108 20.38 19.92 -14.89
CA VAL B 108 21.06 20.90 -14.04
C VAL B 108 21.93 21.88 -14.82
N ALA B 109 22.64 21.40 -15.83
CA ALA B 109 23.50 22.25 -16.65
C ALA B 109 22.78 23.48 -17.21
N ASP B 110 21.49 23.35 -17.52
CA ASP B 110 20.73 24.46 -18.09
C ASP B 110 19.60 24.94 -17.20
N ALA B 111 19.45 24.32 -16.04
CA ALA B 111 18.36 24.62 -15.13
C ALA B 111 18.25 26.12 -14.82
N ASP B 112 17.01 26.56 -14.70
CA ASP B 112 16.67 27.94 -14.36
C ASP B 112 16.23 27.96 -12.88
N PRO B 113 16.95 28.73 -12.03
CA PRO B 113 16.61 28.79 -10.60
C PRO B 113 15.16 29.22 -10.34
N GLU B 114 14.60 30.05 -11.21
CA GLU B 114 13.22 30.50 -11.05
C GLU B 114 12.25 29.35 -11.22
N VAL B 115 12.60 28.37 -12.05
CA VAL B 115 11.74 27.22 -12.23
C VAL B 115 11.77 26.36 -10.95
N TRP B 116 12.96 26.22 -10.37
CA TRP B 116 13.12 25.51 -9.12
C TRP B 116 12.32 26.16 -8.02
N ASP B 117 12.47 27.48 -7.87
CA ASP B 117 11.72 28.25 -6.87
C ASP B 117 10.23 28.03 -7.04
N ARG B 118 9.74 28.23 -8.26
N ARG B 118 9.74 28.23 -8.26
CA ARG B 118 8.31 28.10 -8.54
CA ARG B 118 8.32 28.08 -8.56
C ARG B 118 7.84 26.67 -8.24
C ARG B 118 7.84 26.67 -8.24
N THR B 119 8.65 25.69 -8.61
CA THR B 119 8.32 24.29 -8.33
C THR B 119 8.17 23.99 -6.82
N ARG B 121 7.51 26.19 -4.40
N ARG B 121 7.50 26.19 -4.40
CA ARG B 121 6.36 26.96 -3.93
CA ARG B 121 6.37 26.95 -3.89
C ARG B 121 5.07 26.18 -4.11
C ARG B 121 5.04 26.22 -4.13
N VAL B 122 4.89 25.65 -5.31
CA VAL B 122 3.67 24.96 -5.65
C VAL B 122 3.58 23.53 -5.13
N ASN B 123 4.62 22.73 -5.36
CA ASN B 123 4.56 21.30 -5.07
C ASN B 123 4.76 21.00 -3.59
N LEU B 124 5.47 21.88 -2.91
CA LEU B 124 5.87 21.61 -1.54
C LEU B 124 5.13 22.51 -0.56
N SER B 125 5.36 23.81 -0.68
CA SER B 125 4.71 24.78 0.20
C SER B 125 3.19 24.73 0.11
N GLY B 126 2.67 24.53 -1.10
CA GLY B 126 1.24 24.34 -1.30
C GLY B 126 0.70 23.18 -0.47
N ALA B 127 1.36 22.02 -0.55
CA ALA B 127 0.97 20.84 0.22
C ALA B 127 1.12 21.06 1.73
N VAL B 129 0.94 24.03 3.36
CA VAL B 129 -0.09 24.96 3.79
C VAL B 129 -1.47 24.28 3.82
N ALA B 130 -1.76 23.49 2.78
CA ALA B 130 -3.02 22.74 2.75
C ALA B 130 -3.10 21.84 3.95
N THR B 131 -1.99 21.15 4.23
CA THR B 131 -1.94 20.22 5.33
C THR B 131 -2.11 20.97 6.65
N GLN B 132 -1.41 22.08 6.77
CA GLN B 132 -1.50 22.92 7.95
C GLN B 132 -2.94 23.35 8.18
N ALA B 133 -3.62 23.76 7.12
CA ALA B 133 -4.99 24.26 7.26
C ALA B 133 -5.93 23.15 7.63
N ALA B 134 -5.69 21.97 7.08
CA ALA B 134 -6.57 20.81 7.27
C ALA B 134 -6.43 20.13 8.63
N LEU B 135 -5.25 20.18 9.23
CA LEU B 135 -4.95 19.39 10.43
C LEU B 135 -5.96 19.55 11.61
N PRO B 136 -6.29 20.79 12.02
CA PRO B 136 -7.22 20.84 13.16
C PRO B 136 -8.60 20.27 12.83
N HIS B 137 -9.01 20.34 11.56
CA HIS B 137 -10.29 19.74 11.19
C HIS B 137 -10.23 18.23 11.24
N LEU B 138 -9.09 17.66 10.86
CA LEU B 138 -8.87 16.21 10.92
C LEU B 138 -8.85 15.72 12.35
N ILE B 139 -8.14 16.47 13.19
CA ILE B 139 -8.02 16.14 14.60
C ILE B 139 -9.37 16.21 15.30
N ALA B 140 -10.15 17.25 15.00
CA ALA B 140 -11.44 17.43 15.66
C ALA B 140 -12.44 16.35 15.24
N ARG B 141 -12.25 15.82 14.03
CA ARG B 141 -13.09 14.76 13.51
C ARG B 141 -12.84 13.43 14.24
N GLY B 142 -11.76 13.37 15.00
CA GLY B 142 -11.35 12.13 15.66
C GLY B 142 -10.16 11.46 15.00
N GLY B 143 -9.52 12.15 14.05
CA GLY B 143 -8.43 11.60 13.29
C GLY B 143 -8.78 11.59 11.81
N GLY B 144 -7.83 11.22 10.97
CA GLY B 144 -8.04 11.18 9.54
C GLY B 144 -6.72 11.01 8.83
N CYS B 145 -6.62 11.43 7.57
CA CYS B 145 -5.36 11.23 6.90
C CYS B 145 -5.06 12.21 5.78
N VAL B 146 -3.77 12.46 5.62
CA VAL B 146 -3.26 13.26 4.52
C VAL B 146 -2.49 12.33 3.59
N ILE B 147 -2.79 12.40 2.30
CA ILE B 147 -2.10 11.60 1.29
C ILE B 147 -1.45 12.53 0.27
N ASN B 148 -0.13 12.50 0.22
CA ASN B 148 0.62 13.35 -0.69
C ASN B 148 0.99 12.56 -1.94
N THR B 149 0.60 13.06 -3.10
CA THR B 149 0.95 12.41 -4.36
C THR B 149 1.87 13.29 -5.16
N SER B 150 3.11 12.84 -5.28
CA SER B 150 4.07 13.47 -6.19
C SER B 150 3.62 13.35 -7.64
N SER B 151 4.19 14.17 -8.51
CA SER B 151 3.85 14.09 -9.92
C SER B 151 4.48 12.83 -10.53
N ALA B 152 3.92 12.35 -11.64
CA ALA B 152 4.38 11.11 -12.26
C ALA B 152 5.76 11.27 -12.90
N ALA B 153 6.60 10.24 -12.77
CA ALA B 153 7.94 10.25 -13.39
C ALA B 153 7.89 10.33 -14.92
N SER B 156 12.98 9.37 -18.42
CA SER B 156 14.40 9.06 -18.33
C SER B 156 14.91 9.14 -16.89
N GLY B 157 13.99 9.34 -15.95
CA GLY B 157 14.32 9.35 -14.53
C GLY B 157 15.22 10.49 -14.08
N ASP B 158 16.32 10.13 -13.41
CA ASP B 158 17.26 11.12 -12.86
C ASP B 158 17.97 11.94 -13.96
N LEU B 159 17.94 11.44 -15.19
CA LEU B 159 18.60 12.14 -16.28
C LEU B 159 17.97 13.51 -16.56
N SER B 160 16.74 13.72 -16.10
CA SER B 160 16.14 15.04 -16.24
C SER B 160 15.07 15.29 -15.19
N HIS B 161 14.32 16.36 -15.41
CA HIS B 161 13.39 16.90 -14.42
C HIS B 161 13.94 16.85 -13.00
N PRO B 162 15.10 17.49 -12.74
CA PRO B 162 15.66 17.44 -11.38
C PRO B 162 14.90 18.29 -10.36
N ALA B 163 14.28 19.40 -10.78
CA ALA B 163 13.48 20.17 -9.84
C ALA B 163 12.27 19.35 -9.39
N TYR B 164 11.65 18.67 -10.34
CA TYR B 164 10.55 17.77 -9.99
C TYR B 164 11.02 16.66 -9.04
N ALA B 165 12.17 16.04 -9.28
CA ALA B 165 12.67 15.01 -8.38
C ALA B 165 13.03 15.56 -6.99
N ALA B 166 13.59 16.77 -6.97
CA ALA B 166 13.92 17.42 -5.70
C ALA B 166 12.64 17.63 -4.87
N SER B 167 11.58 18.08 -5.53
CA SER B 167 10.38 18.46 -4.82
C SER B 167 9.66 17.21 -4.34
N LYS B 168 9.78 16.13 -5.10
CA LYS B 168 9.23 14.83 -4.69
C LYS B 168 9.90 14.27 -3.44
N ALA B 169 11.23 14.33 -3.37
CA ALA B 169 11.93 13.93 -2.15
C ALA B 169 11.54 14.84 -0.98
N ALA B 170 11.40 16.13 -1.23
CA ALA B 170 10.97 17.08 -0.21
C ALA B 170 9.57 16.73 0.31
N LEU B 171 8.70 16.34 -0.62
CA LEU B 171 7.33 15.95 -0.27
C LEU B 171 7.28 14.71 0.62
N ILE B 172 8.22 13.79 0.41
CA ILE B 172 8.32 12.60 1.21
C ILE B 172 8.79 12.96 2.63
N SER B 173 9.73 13.89 2.72
CA SER B 173 10.18 14.37 4.01
C SER B 173 9.01 15.07 4.74
N LEU B 174 8.24 15.91 4.04
CA LEU B 174 7.05 16.55 4.63
C LEU B 174 6.07 15.50 5.16
N THR B 175 5.89 14.43 4.39
CA THR B 175 5.00 13.35 4.78
C THR B 175 5.44 12.73 6.12
N ARG B 176 6.72 12.51 6.27
CA ARG B 176 7.23 11.95 7.52
C ARG B 176 7.15 12.95 8.67
N SER B 177 7.51 14.21 8.40
CA SER B 177 7.35 15.30 9.38
C SER B 177 5.94 15.37 9.94
N VAL B 178 4.96 15.28 9.05
CA VAL B 178 3.57 15.37 9.46
C VAL B 178 3.09 14.10 10.19
N ALA B 179 3.44 12.92 9.68
CA ALA B 179 3.07 11.68 10.37
C ALA B 179 3.62 11.67 11.80
N THR B 180 4.87 12.09 11.96
CA THR B 180 5.49 12.19 13.28
C THR B 180 4.83 13.22 14.21
N GLN B 181 4.47 14.37 13.66
CA GLN B 181 4.03 15.48 14.49
C GLN B 181 2.54 15.36 14.83
N ALA B 182 1.77 14.71 13.97
CA ALA B 182 0.32 14.71 14.09
C ALA B 182 -0.24 13.33 14.49
N GLY B 183 0.61 12.32 14.46
CA GLY B 183 0.19 10.97 14.82
C GLY B 183 -0.42 10.87 16.21
N ARG B 184 0.12 11.59 17.18
CA ARG B 184 -0.42 11.51 18.54
C ARG B 184 -1.88 12.00 18.55
N SER B 185 -2.24 12.86 17.61
CA SER B 185 -3.60 13.39 17.56
C SER B 185 -4.49 12.60 16.62
N GLY B 186 -4.01 11.47 16.14
CA GLY B 186 -4.84 10.60 15.33
C GLY B 186 -4.77 10.76 13.81
N VAL B 187 -3.86 11.60 13.34
CA VAL B 187 -3.72 11.84 11.91
C VAL B 187 -2.64 10.97 11.30
N ARG B 188 -2.96 10.24 10.24
CA ARG B 188 -1.98 9.52 9.45
C ARG B 188 -1.54 10.33 8.24
N CYS B 189 -0.32 10.13 7.78
CA CYS B 189 0.13 10.83 6.60
C CYS B 189 0.99 9.93 5.78
N ASN B 190 0.61 9.72 4.54
CA ASN B 190 1.37 8.83 3.67
C ASN B 190 1.58 9.48 2.32
N ALA B 191 2.54 8.95 1.57
CA ALA B 191 2.81 9.45 0.23
C ALA B 191 2.64 8.34 -0.81
N ILE B 192 2.30 8.73 -2.02
CA ILE B 192 2.27 7.81 -3.16
C ILE B 192 3.20 8.37 -4.21
N ALA B 193 4.09 7.55 -4.74
CA ALA B 193 5.04 7.98 -5.76
C ALA B 193 4.73 7.25 -7.07
N PRO B 194 3.96 7.87 -7.96
CA PRO B 194 3.61 7.23 -9.23
C PRO B 194 4.79 7.18 -10.17
N GLY B 195 4.91 6.13 -10.96
CA GLY B 195 5.91 6.09 -12.00
C GLY B 195 5.29 6.66 -13.26
N LEU B 196 5.53 6.01 -14.40
CA LEU B 196 5.02 6.47 -15.67
C LEU B 196 3.53 6.18 -15.76
N ILE B 197 2.73 7.23 -15.64
CA ILE B 197 1.28 7.08 -15.71
C ILE B 197 0.75 7.72 -16.99
N ILE B 198 -0.03 6.96 -17.75
CA ILE B 198 -0.58 7.40 -19.01
C ILE B 198 -2.02 7.87 -18.86
N THR B 199 -2.25 9.18 -18.91
CA THR B 199 -3.58 9.72 -18.60
C THR B 199 -4.44 9.96 -19.84
N ARG B 203 -3.29 7.20 -24.33
CA ARG B 203 -3.05 6.18 -25.34
C ARG B 203 -1.72 5.45 -25.11
N GLU B 204 -1.83 4.18 -24.71
CA GLU B 204 -0.69 3.36 -24.33
C GLU B 204 0.28 3.06 -25.48
N ALA B 205 -0.21 3.18 -26.71
CA ALA B 205 0.55 2.74 -27.88
C ALA B 205 1.83 3.54 -28.11
N ALA B 206 1.74 4.86 -27.95
CA ALA B 206 2.88 5.74 -28.22
C ALA B 206 4.04 5.53 -27.25
N TYR B 207 3.76 4.86 -26.13
CA TYR B 207 4.77 4.66 -25.09
C TYR B 207 5.26 3.21 -25.00
N ARG B 208 4.93 2.39 -25.99
CA ARG B 208 5.28 0.96 -25.97
C ARG B 208 6.77 0.71 -25.78
N VAL B 209 7.60 1.61 -26.30
CA VAL B 209 9.05 1.50 -26.12
C VAL B 209 9.46 1.42 -24.64
N LEU B 211 7.88 -0.30 -22.25
CA LEU B 211 7.48 -1.59 -21.66
C LEU B 211 8.60 -2.55 -21.24
N PRO B 212 9.74 -2.59 -21.97
CA PRO B 212 10.84 -3.40 -21.45
C PRO B 212 11.53 -2.79 -20.22
N HIS B 213 11.38 -1.50 -20.02
CA HIS B 213 11.95 -0.84 -18.85
C HIS B 213 11.14 -1.13 -17.58
N HIS B 214 9.90 -1.58 -17.78
CA HIS B 214 9.02 -1.94 -16.66
C HIS B 214 9.18 -3.40 -16.29
N LEU B 215 8.80 -3.73 -15.07
CA LEU B 215 8.72 -5.13 -14.68
C LEU B 215 7.39 -5.67 -15.16
N THR B 216 6.30 -5.00 -14.81
CA THR B 216 4.96 -5.41 -15.26
C THR B 216 4.80 -5.38 -16.79
N THR B 217 3.80 -6.09 -17.30
CA THR B 217 3.57 -6.20 -18.75
C THR B 217 2.67 -5.10 -19.33
N ARG B 218 2.28 -4.14 -18.50
CA ARG B 218 1.49 -2.99 -18.97
C ARG B 218 2.06 -1.69 -18.36
N LEU B 219 1.67 -0.55 -18.92
CA LEU B 219 2.05 0.76 -18.37
C LEU B 219 0.99 1.25 -17.38
N GLY B 220 1.31 2.32 -16.65
CA GLY B 220 0.43 2.78 -15.59
C GLY B 220 -0.79 3.59 -16.05
N ARG B 221 -1.82 3.59 -15.21
CA ARG B 221 -3.06 4.31 -15.49
C ARG B 221 -3.41 5.12 -14.27
N PRO B 222 -4.12 6.25 -14.45
CA PRO B 222 -4.49 7.06 -13.29
C PRO B 222 -5.29 6.27 -12.27
N GLU B 223 -6.03 5.26 -12.72
CA GLU B 223 -6.78 4.38 -11.84
C GLU B 223 -5.89 3.60 -10.86
N ASP B 224 -4.63 3.39 -11.24
CA ASP B 224 -3.69 2.72 -10.36
C ASP B 224 -3.38 3.61 -9.18
N VAL B 225 -3.31 4.91 -9.42
CA VAL B 225 -2.99 5.82 -8.33
C VAL B 225 -4.25 6.00 -7.46
N ALA B 226 -5.40 6.09 -8.11
CA ALA B 226 -6.67 6.24 -7.41
C ALA B 226 -6.96 5.07 -6.47
N SER B 227 -6.63 3.86 -6.90
CA SER B 227 -6.85 2.68 -6.07
C SER B 227 -5.96 2.72 -4.82
N ALA B 228 -4.70 3.12 -5.00
CA ALA B 228 -3.79 3.28 -3.87
C ALA B 228 -4.31 4.36 -2.91
N VAL B 229 -4.87 5.44 -3.45
CA VAL B 229 -5.49 6.47 -2.58
C VAL B 229 -6.71 5.94 -1.80
N VAL B 230 -7.58 5.18 -2.46
CA VAL B 230 -8.72 4.57 -1.75
C VAL B 230 -8.22 3.68 -0.60
N PHE B 231 -7.25 2.82 -0.87
CA PHE B 231 -6.69 1.94 0.17
C PHE B 231 -6.13 2.74 1.32
N LEU B 232 -5.21 3.66 1.02
CA LEU B 232 -4.58 4.46 2.07
C LEU B 232 -5.57 5.37 2.82
N ALA B 233 -6.66 5.80 2.19
CA ALA B 233 -7.62 6.68 2.86
C ALA B 233 -8.60 5.90 3.74
N SER B 234 -8.65 4.58 3.58
CA SER B 234 -9.68 3.76 4.22
C SER B 234 -9.32 3.33 5.65
N ASP B 235 -10.35 2.98 6.42
CA ASP B 235 -10.18 2.55 7.82
C ASP B 235 -9.29 1.32 8.00
N GLU B 236 -9.33 0.38 7.07
CA GLU B 236 -8.50 -0.81 7.21
C GLU B 236 -7.03 -0.53 6.91
N ALA B 237 -6.70 0.70 6.52
CA ALA B 237 -5.28 1.09 6.42
C ALA B 237 -4.86 2.01 7.56
N SER B 238 -5.63 2.06 8.64
CA SER B 238 -5.36 3.05 9.68
C SER B 238 -4.09 2.77 10.50
N PHE B 239 -3.48 1.59 10.34
CA PHE B 239 -2.21 1.36 11.04
C PHE B 239 -1.00 1.66 10.12
N ILE B 240 -1.23 2.37 9.03
CA ILE B 240 -0.14 2.72 8.12
C ILE B 240 0.08 4.21 8.10
N THR B 241 1.29 4.66 8.41
CA THR B 241 1.56 6.07 8.40
C THR B 241 3.05 6.30 8.23
N GLY B 242 3.39 7.42 7.59
CA GLY B 242 4.78 7.77 7.38
C GLY B 242 5.37 7.01 6.21
N GLN B 243 4.51 6.36 5.43
CA GLN B 243 4.99 5.46 4.39
C GLN B 243 4.89 6.07 3.00
N THR B 244 5.77 5.62 2.11
CA THR B 244 5.68 5.94 0.68
C THR B 244 5.35 4.68 -0.11
N LEU B 245 4.24 4.72 -0.82
CA LEU B 245 3.86 3.61 -1.67
C LEU B 245 4.24 3.95 -3.11
N VAL B 246 5.21 3.23 -3.66
CA VAL B 246 5.62 3.42 -5.04
C VAL B 246 4.72 2.61 -5.98
N VAL B 247 4.09 3.31 -6.93
CA VAL B 247 3.15 2.69 -7.87
C VAL B 247 3.75 2.89 -9.26
N ASP B 248 4.65 2.01 -9.66
CA ASP B 248 5.50 2.30 -10.80
C ASP B 248 5.76 1.10 -11.69
N GLY B 249 5.04 0.01 -11.48
CA GLY B 249 5.24 -1.22 -12.24
C GLY B 249 6.68 -1.72 -12.25
N GLY B 250 7.46 -1.33 -11.26
CA GLY B 250 8.84 -1.77 -11.13
C GLY B 250 9.88 -0.94 -11.83
N LEU B 251 9.46 0.13 -12.50
CA LEU B 251 10.36 0.96 -13.32
C LEU B 251 11.56 1.51 -12.53
N LEU B 252 11.40 1.58 -11.22
CA LEU B 252 12.45 1.98 -10.28
C LEU B 252 12.83 3.44 -10.44
#